data_6DIS
#
_entry.id   6DIS
#
_cell.length_a   55.607
_cell.length_b   58.628
_cell.length_c   59.966
_cell.angle_alpha   90.00
_cell.angle_beta   90.00
_cell.angle_gamma   90.00
#
_symmetry.space_group_name_H-M   'P 21 21 21'
#
loop_
_entity.id
_entity.type
_entity.pdbx_description
1 polymer 'NS3 protease'
2 non-polymer '1,1,1-trifluoro-2-methylpropan-2-yl [(2R,6S,12Z,13aS,14aR,16aS)-2-[(7-methoxy-3-methylquinoxalin-2-yl)oxy]-14a-{[(1-methylcyclopropyl)sulfonyl]carbamoyl}-5, 16-dioxo-1,2,3,5,6,7,8,9,10,11,13a,14,14a,15,16,16a-hexadecahydrocyclopropa[e]pyrrolo[1,2-a][1,4]diazacyclopentadecin-6- yl]carbamate'
3 non-polymer 'SULFATE ION'
4 non-polymer 'ZINC ION'
5 non-polymer GLYCEROL
6 water water
#
_entity_poly.entity_id   1
_entity_poly.type   'polypeptide(L)'
_entity_poly.pdbx_seq_one_letter_code
;HMASMKKKGSVVIVGRINLSGDTAYAQQTRGEEGCQETSQTGRDKNQVEGEVQIVSTATQTFLATSINGVLWTVYHGAGT
RTIASPKGPVTQMYTNVDKDLVGWQAPQGSRSLTPCTCGSSDLYLVTRHADVIPVRRRGDSRGSLLSPRPISYLKGSSGG
PLLCPAGHAVGIFRAAVSTRGVAKAVDFIPVESLETTMR
;
_entity_poly.pdbx_strand_id   A
#
loop_
_chem_comp.id
_chem_comp.type
_chem_comp.name
_chem_comp.formula
GKG non-polymer '1,1,1-trifluoro-2-methylpropan-2-yl [(2R,6S,12Z,13aS,14aR,16aS)-2-[(7-methoxy-3-methylquinoxalin-2-yl)oxy]-14a-{[(1-methylcyclopropyl)sulfonyl]carbamoyl}-5, 16-dioxo-1,2,3,5,6,7,8,9,10,11,13a,14,14a,15,16,16a-hexadecahydrocyclopropa[e]pyrrolo[1,2-a][1,4]diazacyclopentadecin-6- yl]carbamate' 'C37 H47 F3 N6 O9 S'
GOL non-polymer GLYCEROL 'C3 H8 O3'
SO4 non-polymer 'SULFATE ION' 'O4 S -2'
ZN non-polymer 'ZINC ION' 'Zn 2'
#
# COMPACT_ATOMS: atom_id res chain seq x y z
N HIS A 1 26.08 22.23 9.03
CA HIS A 1 25.88 22.02 10.47
C HIS A 1 25.44 20.57 10.70
N MET A 2 26.43 19.67 10.69
CA MET A 2 26.13 18.24 10.71
C MET A 2 25.46 17.82 12.01
N ALA A 3 25.90 18.38 13.14
CA ALA A 3 25.40 17.90 14.42
C ALA A 3 23.89 18.01 14.54
N SER A 4 23.31 19.04 13.92
CA SER A 4 21.89 19.28 14.06
C SER A 4 21.06 18.63 12.96
N MET A 5 21.67 17.93 12.01
CA MET A 5 20.92 17.35 10.91
C MET A 5 19.94 16.31 11.46
N LYS A 6 18.70 16.38 11.00
CA LYS A 6 17.65 15.50 11.45
C LYS A 6 17.68 14.18 10.66
N LYS A 7 16.99 13.19 11.19
CA LYS A 7 16.75 11.94 10.50
C LYS A 7 15.26 11.80 10.22
N LYS A 8 14.91 11.34 9.03
CA LYS A 8 13.52 11.06 8.73
C LYS A 8 13.04 9.86 9.52
N GLY A 9 11.79 9.94 9.99
CA GLY A 9 11.21 8.86 10.75
C GLY A 9 10.81 7.70 9.86
N SER A 10 10.29 6.66 10.52
CA SER A 10 9.88 5.45 9.84
C SER A 10 8.43 5.59 9.36
N VAL A 11 8.09 4.83 8.32
CA VAL A 11 6.69 4.60 8.00
C VAL A 11 6.09 3.84 9.17
N VAL A 12 4.85 4.18 9.51
CA VAL A 12 4.15 3.55 10.63
C VAL A 12 2.83 2.98 10.15
N ILE A 13 2.57 1.71 10.49
CA ILE A 13 1.25 1.12 10.28
C ILE A 13 0.29 1.75 11.28
N VAL A 14 -0.78 2.37 10.77
CA VAL A 14 -1.78 3.02 11.62
C VAL A 14 -3.16 2.39 11.51
N GLY A 15 -3.32 1.38 10.67
CA GLY A 15 -4.57 0.67 10.59
C GLY A 15 -4.52 -0.35 9.47
N ARG A 16 -5.71 -0.83 9.11
CA ARG A 16 -5.79 -1.85 8.05
C ARG A 16 -7.16 -1.79 7.39
N ILE A 17 -7.23 -2.36 6.20
CA ILE A 17 -8.50 -2.61 5.52
C ILE A 17 -8.85 -4.06 5.81
N ASN A 18 -9.90 -4.28 6.60
CA ASN A 18 -10.28 -5.64 7.03
C ASN A 18 -11.07 -6.28 5.90
N LEU A 19 -10.51 -7.33 5.31
CA LEU A 19 -11.18 -8.10 4.27
C LEU A 19 -11.47 -9.53 4.71
N SER A 20 -11.37 -9.83 6.01
CA SER A 20 -11.54 -11.19 6.47
C SER A 20 -12.96 -11.71 6.21
N GLY A 21 -13.96 -10.90 6.53
CA GLY A 21 -15.35 -11.33 6.49
C GLY A 21 -16.04 -10.97 5.20
N ASP A 22 -17.37 -10.82 5.28
CA ASP A 22 -18.18 -10.47 4.12
C ASP A 22 -18.30 -8.95 3.90
N THR A 23 -17.83 -8.14 4.84
CA THR A 23 -17.91 -6.68 4.75
C THR A 23 -16.52 -6.10 4.89
N ALA A 24 -16.07 -5.35 3.89
CA ALA A 24 -14.78 -4.66 3.97
C ALA A 24 -14.96 -3.39 4.79
N TYR A 25 -14.02 -3.15 5.71
CA TYR A 25 -14.09 -1.93 6.49
C TYR A 25 -12.72 -1.57 7.01
N ALA A 26 -12.49 -0.27 7.14
CA ALA A 26 -11.22 0.23 7.65
C ALA A 26 -11.21 0.18 9.16
N GLN A 27 -10.05 -0.16 9.71
CA GLN A 27 -9.83 -0.13 11.15
C GLN A 27 -8.61 0.73 11.44
N GLN A 28 -8.70 1.59 12.45
CA GLN A 28 -7.54 2.31 12.91
C GLN A 28 -6.96 1.57 14.11
N THR A 29 -5.64 1.40 14.11
CA THR A 29 -4.94 0.71 15.19
C THR A 29 -4.00 1.63 15.97
N ARG A 30 -3.77 2.85 15.49
CA ARG A 30 -2.91 3.78 16.22
C ARG A 30 -3.31 5.20 15.87
N GLY A 31 -3.41 6.07 16.89
CA GLY A 31 -3.76 7.45 16.69
C GLY A 31 -2.56 8.31 16.35
N GLU A 32 -2.84 9.59 16.11
CA GLU A 32 -1.83 10.53 15.61
C GLU A 32 -0.63 10.59 16.54
N GLU A 33 -0.87 10.86 17.82
CA GLU A 33 0.23 11.04 18.78
C GLU A 33 1.11 9.80 18.82
N GLY A 34 0.48 8.62 18.96
CA GLY A 34 1.26 7.38 18.96
C GLY A 34 2.00 7.18 17.65
N CYS A 35 1.39 7.57 16.53
CA CYS A 35 2.07 7.47 15.24
C CYS A 35 3.35 8.29 15.24
N GLN A 36 3.25 9.55 15.65
CA GLN A 36 4.42 10.44 15.68
C GLN A 36 5.55 9.84 16.50
N GLU A 37 5.23 9.37 17.73
CA GLU A 37 6.26 8.75 18.57
C GLU A 37 6.85 7.51 17.92
N THR A 38 5.99 6.63 17.40
CA THR A 38 6.47 5.40 16.78
C THR A 38 7.35 5.72 15.56
N SER A 39 7.02 6.77 14.82
CA SER A 39 7.83 7.13 13.66
C SER A 39 9.24 7.51 14.06
N GLN A 40 9.39 8.19 15.21
CA GLN A 40 10.72 8.63 15.63
C GLN A 40 11.55 7.48 16.17
N THR A 41 10.95 6.62 16.98
CA THR A 41 11.68 5.51 17.56
C THR A 41 11.82 4.34 16.58
N GLY A 42 10.92 4.23 15.63
CA GLY A 42 10.87 3.03 14.81
C GLY A 42 10.44 1.78 15.53
N ARG A 43 9.99 1.91 16.78
N ARG A 43 9.99 1.90 16.78
CA ARG A 43 9.57 0.77 17.58
CA ARG A 43 9.57 0.77 17.58
C ARG A 43 8.05 0.73 17.62
C ARG A 43 8.05 0.72 17.63
N ASP A 44 7.47 -0.30 17.00
CA ASP A 44 6.03 -0.49 16.91
C ASP A 44 5.70 -1.88 17.44
N LYS A 45 5.13 -1.94 18.64
CA LYS A 45 4.83 -3.20 19.27
C LYS A 45 3.38 -3.63 19.07
N ASN A 46 2.63 -2.94 18.22
CA ASN A 46 1.26 -3.34 17.96
C ASN A 46 1.24 -4.61 17.12
N GLN A 47 0.25 -5.47 17.39
CA GLN A 47 0.05 -6.65 16.57
C GLN A 47 -0.46 -6.24 15.19
N VAL A 48 0.14 -6.82 14.16
CA VAL A 48 -0.27 -6.57 12.77
C VAL A 48 -1.15 -7.71 12.32
N GLU A 49 -2.20 -7.39 11.55
CA GLU A 49 -3.07 -8.42 10.98
C GLU A 49 -3.47 -8.01 9.56
N GLY A 50 -3.79 -9.01 8.75
CA GLY A 50 -4.38 -8.76 7.45
C GLY A 50 -3.39 -8.46 6.34
N GLU A 51 -3.94 -8.29 5.16
CA GLU A 51 -3.15 -8.11 3.94
C GLU A 51 -2.90 -6.65 3.56
N VAL A 52 -3.85 -5.78 3.84
CA VAL A 52 -3.77 -4.38 3.42
C VAL A 52 -3.63 -3.51 4.66
N GLN A 53 -2.50 -2.80 4.75
CA GLN A 53 -2.22 -1.91 5.87
C GLN A 53 -2.44 -0.47 5.45
N ILE A 54 -2.95 0.34 6.38
CA ILE A 54 -2.92 1.79 6.25
C ILE A 54 -1.63 2.27 6.92
N VAL A 55 -0.82 3.04 6.19
CA VAL A 55 0.47 3.50 6.72
C VAL A 55 0.56 5.02 6.63
N SER A 56 1.46 5.58 7.45
CA SER A 56 1.61 7.03 7.50
C SER A 56 3.04 7.41 7.80
N THR A 57 3.42 8.56 7.29
CA THR A 57 4.60 9.30 7.71
C THR A 57 4.10 10.52 8.47
N ALA A 58 5.00 11.47 8.75
CA ALA A 58 4.52 12.69 9.40
C ALA A 58 3.66 13.54 8.48
N THR A 59 3.80 13.36 7.15
CA THR A 59 3.18 14.24 6.20
C THR A 59 2.28 13.56 5.20
N GLN A 60 2.20 12.23 5.19
N GLN A 60 2.23 12.23 5.16
CA GLN A 60 1.37 11.54 4.22
CA GLN A 60 1.40 11.52 4.20
C GLN A 60 0.79 10.28 4.84
C GLN A 60 0.79 10.30 4.85
N THR A 61 -0.30 9.82 4.25
CA THR A 61 -0.93 8.56 4.62
C THR A 61 -1.34 7.86 3.34
N PHE A 62 -1.11 6.55 3.27
CA PHE A 62 -1.40 5.78 2.09
C PHE A 62 -1.52 4.31 2.53
N LEU A 63 -1.45 3.38 1.57
CA LEU A 63 -1.65 1.97 1.87
C LEU A 63 -0.38 1.16 1.58
N ALA A 64 -0.36 -0.06 2.13
CA ALA A 64 0.71 -1.01 1.88
C ALA A 64 0.10 -2.40 1.86
N THR A 65 0.55 -3.22 0.91
CA THR A 65 -0.10 -4.51 0.62
C THR A 65 0.92 -5.63 0.65
N SER A 66 0.60 -6.70 1.38
N SER A 66 0.61 -6.70 1.39
CA SER A 66 1.49 -7.85 1.50
CA SER A 66 1.51 -7.84 1.51
C SER A 66 1.25 -8.83 0.37
C SER A 66 1.25 -8.82 0.36
N ILE A 67 2.31 -9.17 -0.36
CA ILE A 67 2.25 -10.17 -1.42
C ILE A 67 3.55 -10.97 -1.36
N ASN A 68 3.43 -12.29 -1.33
CA ASN A 68 4.61 -13.18 -1.27
C ASN A 68 5.56 -12.84 -0.14
N GLY A 69 5.00 -12.49 1.03
CA GLY A 69 5.84 -12.23 2.19
C GLY A 69 6.61 -10.93 2.17
N VAL A 70 6.24 -10.00 1.29
CA VAL A 70 6.81 -8.65 1.23
C VAL A 70 5.66 -7.66 1.36
N LEU A 71 5.83 -6.64 2.19
CA LEU A 71 4.88 -5.54 2.29
C LEU A 71 5.29 -4.46 1.29
N TRP A 72 4.45 -4.24 0.29
CA TRP A 72 4.77 -3.36 -0.82
C TRP A 72 4.00 -2.05 -0.72
N THR A 73 4.59 -0.97 -1.19
CA THR A 73 3.91 0.32 -1.29
C THR A 73 4.63 1.13 -2.35
N VAL A 74 4.25 2.42 -2.45
CA VAL A 74 4.74 3.30 -3.50
C VAL A 74 5.91 4.14 -2.98
N TYR A 75 6.89 4.36 -3.84
CA TYR A 75 8.02 5.22 -3.49
C TYR A 75 7.60 6.66 -3.23
N HIS A 76 6.59 7.16 -3.98
CA HIS A 76 6.18 8.54 -3.80
C HIS A 76 5.50 8.76 -2.45
N GLY A 77 5.13 7.69 -1.75
CA GLY A 77 4.67 7.82 -0.38
C GLY A 77 5.75 7.55 0.66
N ALA A 78 6.50 6.46 0.48
CA ALA A 78 7.48 6.04 1.47
C ALA A 78 8.91 6.55 1.25
N GLY A 79 9.24 6.96 0.02
CA GLY A 79 10.63 7.24 -0.26
C GLY A 79 11.47 6.05 0.14
N THR A 80 12.66 6.34 0.67
CA THR A 80 13.58 5.31 1.15
C THR A 80 13.42 5.00 2.64
N ARG A 81 12.28 5.34 3.22
N ARG A 81 12.28 5.35 3.22
CA ARG A 81 12.14 5.25 4.66
CA ARG A 81 12.14 5.26 4.66
C ARG A 81 12.15 3.82 5.15
C ARG A 81 12.17 3.82 5.14
N THR A 82 12.58 3.66 6.40
CA THR A 82 12.40 2.41 7.10
C THR A 82 10.94 2.31 7.52
N ILE A 83 10.54 1.11 7.97
CA ILE A 83 9.22 0.89 8.56
C ILE A 83 9.40 0.48 10.02
N ALA A 84 8.51 0.95 10.89
CA ALA A 84 8.56 0.60 12.29
C ALA A 84 8.24 -0.87 12.52
N SER A 85 8.89 -1.46 13.53
CA SER A 85 8.66 -2.86 13.86
C SER A 85 8.89 -3.02 15.37
N PRO A 86 8.44 -4.14 15.95
CA PRO A 86 8.59 -4.31 17.41
C PRO A 86 10.00 -4.11 17.92
N LYS A 87 11.01 -4.42 17.12
CA LYS A 87 12.40 -4.38 17.56
C LYS A 87 13.19 -3.23 16.95
N GLY A 88 12.52 -2.32 16.23
CA GLY A 88 13.19 -1.16 15.67
C GLY A 88 12.97 -1.02 14.17
N PRO A 89 13.52 0.02 13.58
CA PRO A 89 13.27 0.27 12.15
C PRO A 89 13.82 -0.85 11.28
N VAL A 90 13.04 -1.18 10.24
CA VAL A 90 13.41 -2.20 9.27
C VAL A 90 13.70 -1.49 7.95
N THR A 91 14.87 -1.76 7.38
CA THR A 91 15.28 -1.17 6.12
C THR A 91 14.56 -1.86 4.94
N GLN A 92 14.24 -1.07 3.91
CA GLN A 92 13.63 -1.63 2.73
C GLN A 92 14.51 -2.71 2.15
N MET A 93 13.89 -3.78 1.65
CA MET A 93 14.61 -4.81 0.91
C MET A 93 14.42 -4.65 -0.59
N TYR A 94 13.46 -3.83 -1.03
CA TYR A 94 13.31 -3.46 -2.44
C TYR A 94 13.06 -1.97 -2.55
N THR A 95 13.70 -1.34 -3.53
CA THR A 95 13.50 0.08 -3.83
C THR A 95 13.69 0.25 -5.34
N ASN A 96 12.64 0.77 -6.02
CA ASN A 96 12.72 0.99 -7.47
C ASN A 96 11.91 2.25 -7.81
N VAL A 97 12.62 3.38 -7.86
CA VAL A 97 11.98 4.65 -8.15
C VAL A 97 11.40 4.67 -9.55
N ASP A 98 11.98 3.87 -10.49
CA ASP A 98 11.47 3.86 -11.85
C ASP A 98 10.07 3.25 -11.92
N LYS A 99 9.78 2.30 -11.04
CA LYS A 99 8.45 1.71 -10.96
C LYS A 99 7.55 2.34 -9.90
N ASP A 100 8.09 3.24 -9.10
CA ASP A 100 7.36 3.85 -7.97
C ASP A 100 7.06 2.81 -6.90
N LEU A 101 8.04 1.94 -6.60
CA LEU A 101 7.78 0.74 -5.81
C LEU A 101 8.85 0.60 -4.74
N VAL A 102 8.43 0.25 -3.53
CA VAL A 102 9.34 -0.17 -2.47
C VAL A 102 8.72 -1.37 -1.75
N GLY A 103 9.54 -2.04 -0.93
CA GLY A 103 9.04 -3.16 -0.16
C GLY A 103 9.92 -3.41 1.04
N TRP A 104 9.28 -3.91 2.10
CA TRP A 104 9.92 -4.39 3.30
C TRP A 104 9.46 -5.83 3.54
N GLN A 105 10.24 -6.59 4.27
CA GLN A 105 9.79 -7.89 4.74
C GLN A 105 8.43 -7.71 5.42
N ALA A 106 7.51 -8.64 5.16
CA ALA A 106 6.17 -8.51 5.70
C ALA A 106 6.20 -8.64 7.22
N PRO A 107 5.47 -7.78 7.95
CA PRO A 107 5.51 -7.85 9.42
C PRO A 107 4.95 -9.16 9.93
N GLN A 108 5.48 -9.61 11.07
CA GLN A 108 4.94 -10.79 11.73
C GLN A 108 3.45 -10.61 11.98
N GLY A 109 2.67 -11.63 11.66
CA GLY A 109 1.24 -11.60 11.87
C GLY A 109 0.44 -11.11 10.70
N SER A 110 1.07 -10.46 9.73
CA SER A 110 0.38 -10.11 8.52
C SER A 110 0.09 -11.38 7.71
N ARG A 111 -0.84 -11.25 6.75
CA ARG A 111 -1.08 -12.30 5.78
C ARG A 111 -0.77 -11.76 4.39
N SER A 112 -0.36 -12.66 3.49
CA SER A 112 0.06 -12.26 2.15
C SER A 112 -0.97 -12.67 1.11
N LEU A 113 -1.22 -11.79 0.16
CA LEU A 113 -2.00 -12.14 -1.00
C LEU A 113 -1.14 -13.01 -1.93
N THR A 114 -1.81 -13.86 -2.72
CA THR A 114 -1.14 -14.69 -3.70
C THR A 114 -1.13 -14.01 -5.05
N PRO A 115 -0.01 -14.02 -5.77
CA PRO A 115 0.01 -13.40 -7.10
C PRO A 115 -0.96 -14.10 -8.04
N CYS A 116 -1.71 -13.31 -8.80
CA CYS A 116 -2.75 -13.84 -9.67
C CYS A 116 -2.16 -14.45 -10.93
N THR A 117 -2.57 -15.68 -11.24
CA THR A 117 -2.23 -16.30 -12.52
C THR A 117 -3.47 -16.60 -13.35
N CYS A 118 -4.60 -15.96 -13.04
CA CYS A 118 -5.85 -16.23 -13.71
C CYS A 118 -5.89 -15.65 -15.11
N GLY A 119 -5.13 -14.57 -15.35
CA GLY A 119 -5.20 -13.93 -16.66
C GLY A 119 -6.53 -13.26 -16.97
N SER A 120 -7.28 -12.89 -15.94
CA SER A 120 -8.60 -12.27 -16.07
C SER A 120 -8.50 -10.76 -16.05
N SER A 121 -9.46 -10.10 -16.70
CA SER A 121 -9.46 -8.65 -16.81
C SER A 121 -10.57 -7.99 -15.99
N ASP A 122 -11.28 -8.77 -15.18
CA ASP A 122 -12.32 -8.22 -14.29
C ASP A 122 -11.66 -8.08 -12.94
N LEU A 123 -11.32 -6.86 -12.56
CA LEU A 123 -10.53 -6.59 -11.37
C LEU A 123 -11.34 -5.80 -10.35
N TYR A 124 -10.74 -5.63 -9.18
CA TYR A 124 -11.35 -4.93 -8.06
C TYR A 124 -10.27 -4.17 -7.31
N LEU A 125 -10.50 -2.86 -7.15
CA LEU A 125 -9.58 -1.98 -6.45
C LEU A 125 -10.07 -1.73 -5.03
N VAL A 126 -9.17 -1.89 -4.05
CA VAL A 126 -9.49 -1.69 -2.64
C VAL A 126 -8.89 -0.37 -2.18
N THR A 127 -9.75 0.55 -1.71
CA THR A 127 -9.31 1.88 -1.30
C THR A 127 -9.14 1.93 0.22
N ARG A 128 -8.49 3.01 0.68
CA ARG A 128 -8.24 3.21 2.11
C ARG A 128 -9.53 3.38 2.89
N HIS A 129 -10.64 3.63 2.20
CA HIS A 129 -11.95 3.73 2.84
C HIS A 129 -12.71 2.42 2.74
N ALA A 130 -12.03 1.34 2.38
CA ALA A 130 -12.63 -0.01 2.31
C ALA A 130 -13.70 -0.07 1.24
N ASP A 131 -13.66 0.83 0.26
CA ASP A 131 -14.48 0.69 -0.93
C ASP A 131 -13.84 -0.33 -1.87
N VAL A 132 -14.66 -1.16 -2.50
CA VAL A 132 -14.22 -2.17 -3.47
C VAL A 132 -14.77 -1.74 -4.82
N ILE A 133 -13.90 -1.25 -5.69
CA ILE A 133 -14.27 -0.55 -6.92
C ILE A 133 -14.03 -1.49 -8.08
N PRO A 134 -15.06 -1.90 -8.81
CA PRO A 134 -14.82 -2.70 -10.02
C PRO A 134 -14.02 -1.93 -11.06
N VAL A 135 -13.03 -2.61 -11.63
CA VAL A 135 -12.09 -2.06 -12.60
C VAL A 135 -11.90 -3.08 -13.71
N ARG A 136 -12.04 -2.63 -14.95
CA ARG A 136 -11.79 -3.47 -16.11
C ARG A 136 -10.36 -3.24 -16.58
N ARG A 137 -9.58 -4.33 -16.67
CA ARG A 137 -8.20 -4.23 -17.14
C ARG A 137 -8.18 -3.80 -18.59
N ARG A 138 -7.36 -2.78 -18.89
CA ARG A 138 -7.30 -2.20 -20.22
C ARG A 138 -5.90 -2.30 -20.85
N GLY A 139 -4.93 -2.82 -20.12
CA GLY A 139 -3.57 -2.96 -20.62
C GLY A 139 -2.73 -3.61 -19.55
N ASP A 140 -1.41 -3.57 -19.77
CA ASP A 140 -0.51 -4.19 -18.80
C ASP A 140 -0.56 -3.46 -17.46
N SER A 141 -0.77 -2.14 -17.48
CA SER A 141 -0.71 -1.36 -16.24
C SER A 141 -1.86 -0.37 -16.10
N ARG A 142 -2.96 -0.59 -16.84
CA ARG A 142 -4.09 0.33 -16.83
C ARG A 142 -5.40 -0.45 -16.64
N GLY A 143 -6.37 0.20 -15.97
CA GLY A 143 -7.70 -0.31 -15.81
C GLY A 143 -8.69 0.82 -15.65
N SER A 144 -9.87 0.67 -16.24
CA SER A 144 -10.89 1.70 -16.22
C SER A 144 -11.88 1.42 -15.09
N LEU A 145 -12.29 2.47 -14.40
CA LEU A 145 -13.35 2.34 -13.42
C LEU A 145 -14.68 2.15 -14.13
N LEU A 146 -15.43 1.13 -13.73
CA LEU A 146 -16.77 0.93 -14.27
C LEU A 146 -17.66 2.11 -13.91
N SER A 147 -17.48 2.68 -12.73
CA SER A 147 -18.17 3.90 -12.30
C SER A 147 -17.12 4.93 -11.91
N PRO A 148 -16.77 5.86 -12.80
CA PRO A 148 -15.78 6.88 -12.44
C PRO A 148 -16.21 7.71 -11.23
N ARG A 149 -15.22 8.29 -10.56
CA ARG A 149 -15.47 9.06 -9.35
C ARG A 149 -14.40 10.14 -9.22
N PRO A 150 -14.68 11.21 -8.50
CA PRO A 150 -13.67 12.26 -8.35
C PRO A 150 -12.39 11.69 -7.76
N ILE A 151 -11.27 12.33 -8.11
CA ILE A 151 -9.98 11.84 -7.60
C ILE A 151 -9.92 11.88 -6.08
N SER A 152 -10.76 12.72 -5.46
CA SER A 152 -10.79 12.85 -4.01
C SER A 152 -11.06 11.51 -3.34
N TYR A 153 -11.83 10.63 -4.00
CA TYR A 153 -12.17 9.33 -3.41
C TYR A 153 -11.04 8.33 -3.50
N LEU A 154 -10.07 8.54 -4.39
CA LEU A 154 -8.93 7.66 -4.52
C LEU A 154 -7.68 8.17 -3.82
N LYS A 155 -7.64 9.47 -3.52
CA LYS A 155 -6.47 10.04 -2.84
C LYS A 155 -6.20 9.27 -1.56
N GLY A 156 -4.91 8.93 -1.34
CA GLY A 156 -4.52 8.17 -0.17
C GLY A 156 -4.68 6.66 -0.29
N SER A 157 -4.94 6.15 -1.48
CA SER A 157 -5.08 4.72 -1.68
C SER A 157 -3.91 4.13 -2.48
N SER A 158 -2.93 4.93 -2.89
CA SER A 158 -1.73 4.36 -3.50
C SER A 158 -1.16 3.31 -2.57
N GLY A 159 -0.64 2.24 -3.15
CA GLY A 159 -0.16 1.10 -2.39
C GLY A 159 -1.19 0.03 -2.12
N GLY A 160 -2.45 0.28 -2.42
CA GLY A 160 -3.49 -0.70 -2.29
C GLY A 160 -3.52 -1.66 -3.45
N PRO A 161 -4.24 -2.76 -3.25
CA PRO A 161 -4.27 -3.82 -4.26
C PRO A 161 -5.36 -3.65 -5.31
N LEU A 162 -5.05 -4.13 -6.52
CA LEU A 162 -6.05 -4.54 -7.47
C LEU A 162 -6.09 -6.06 -7.45
N LEU A 163 -7.30 -6.61 -7.28
CA LEU A 163 -7.51 -8.05 -7.07
C LEU A 163 -8.36 -8.64 -8.19
N CYS A 164 -8.14 -9.92 -8.47
CA CYS A 164 -8.97 -10.65 -9.45
C CYS A 164 -10.23 -11.14 -8.77
N PRO A 165 -11.17 -11.72 -9.52
CA PRO A 165 -12.41 -12.19 -8.88
C PRO A 165 -12.14 -13.11 -7.70
N ALA A 166 -11.09 -13.94 -7.79
CA ALA A 166 -10.78 -14.92 -6.76
C ALA A 166 -9.98 -14.34 -5.59
N GLY A 167 -9.67 -13.06 -5.61
CA GLY A 167 -8.95 -12.47 -4.49
C GLY A 167 -7.44 -12.51 -4.57
N HIS A 168 -6.88 -12.87 -5.73
CA HIS A 168 -5.44 -12.83 -5.93
C HIS A 168 -4.97 -11.42 -6.22
N ALA A 169 -3.71 -11.12 -5.92
CA ALA A 169 -3.15 -9.79 -6.20
C ALA A 169 -2.79 -9.69 -7.66
N VAL A 170 -3.34 -8.68 -8.34
CA VAL A 170 -3.04 -8.45 -9.74
C VAL A 170 -2.11 -7.25 -9.93
N GLY A 171 -2.18 -6.27 -9.02
CA GLY A 171 -1.28 -5.12 -9.11
C GLY A 171 -1.38 -4.26 -7.87
N ILE A 172 -0.52 -3.23 -7.84
CA ILE A 172 -0.48 -2.24 -6.76
C ILE A 172 -0.87 -0.88 -7.34
N PHE A 173 -1.90 -0.26 -6.75
CA PHE A 173 -2.39 1.04 -7.17
C PHE A 173 -1.29 2.09 -7.08
N ARG A 174 -1.03 2.78 -8.19
CA ARG A 174 0.07 3.74 -8.30
C ARG A 174 -0.40 5.16 -8.59
N ALA A 175 -1.25 5.36 -9.59
CA ALA A 175 -1.65 6.71 -9.98
C ALA A 175 -3.03 6.68 -10.61
N ALA A 176 -3.71 7.84 -10.56
CA ALA A 176 -5.04 7.97 -11.14
C ALA A 176 -4.96 8.70 -12.48
N VAL A 177 -5.70 8.20 -13.45
CA VAL A 177 -5.85 8.85 -14.75
C VAL A 177 -7.11 9.69 -14.67
N SER A 178 -6.95 11.01 -14.54
CA SER A 178 -8.09 11.86 -14.26
C SER A 178 -8.28 12.92 -15.34
N THR A 179 -9.55 13.17 -15.65
CA THR A 179 -9.96 14.18 -16.61
C THR A 179 -10.87 15.15 -15.87
N ARG A 180 -10.42 16.40 -15.75
CA ARG A 180 -11.19 17.41 -15.03
C ARG A 180 -11.57 16.92 -13.64
N GLY A 181 -10.57 16.38 -12.94
CA GLY A 181 -10.74 15.93 -11.58
C GLY A 181 -11.48 14.63 -11.40
N VAL A 182 -11.89 13.97 -12.48
CA VAL A 182 -12.64 12.72 -12.40
C VAL A 182 -11.72 11.57 -12.80
N ALA A 183 -11.63 10.58 -11.93
CA ALA A 183 -10.79 9.41 -12.18
C ALA A 183 -11.59 8.43 -13.04
N LYS A 184 -11.22 8.32 -14.33
CA LYS A 184 -11.85 7.35 -15.20
C LYS A 184 -11.05 6.06 -15.32
N ALA A 185 -9.78 6.09 -14.95
CA ALA A 185 -8.92 4.92 -15.04
C ALA A 185 -7.85 5.01 -13.95
N VAL A 186 -7.19 3.88 -13.69
CA VAL A 186 -6.08 3.82 -12.75
C VAL A 186 -4.87 3.21 -13.43
N ASP A 187 -3.70 3.68 -13.00
CA ASP A 187 -2.39 3.12 -13.35
C ASP A 187 -1.91 2.29 -12.17
N PHE A 188 -1.40 1.10 -12.45
CA PHE A 188 -0.97 0.22 -11.36
C PHE A 188 0.30 -0.52 -11.75
N ILE A 189 1.02 -0.97 -10.72
CA ILE A 189 2.23 -1.76 -10.88
C ILE A 189 1.81 -3.22 -11.00
N PRO A 190 2.02 -3.86 -12.14
CA PRO A 190 1.61 -5.27 -12.26
C PRO A 190 2.32 -6.17 -11.26
N VAL A 191 1.61 -7.20 -10.79
CA VAL A 191 2.23 -8.14 -9.86
C VAL A 191 3.44 -8.81 -10.50
N GLU A 192 3.39 -9.03 -11.82
CA GLU A 192 4.54 -9.61 -12.50
C GLU A 192 5.78 -8.74 -12.33
N SER A 193 5.59 -7.42 -12.26
CA SER A 193 6.71 -6.51 -12.06
C SER A 193 7.26 -6.65 -10.65
N LEU A 194 6.40 -6.86 -9.67
CA LEU A 194 6.87 -7.18 -8.32
C LEU A 194 7.69 -8.47 -8.33
N GLU A 195 7.17 -9.51 -8.99
CA GLU A 195 7.86 -10.80 -8.98
C GLU A 195 9.24 -10.71 -9.63
N THR A 196 9.39 -9.83 -10.63
CA THR A 196 10.71 -9.62 -11.23
C THR A 196 11.63 -8.85 -10.29
N THR A 197 11.09 -7.85 -9.58
CA THR A 197 11.87 -7.14 -8.58
C THR A 197 12.37 -8.09 -7.50
N MET A 198 11.59 -9.13 -7.18
CA MET A 198 12.01 -10.07 -6.15
C MET A 198 13.18 -10.95 -6.58
N ARG A 199 13.61 -10.87 -7.84
CA ARG A 199 14.75 -11.66 -8.32
C ARG A 199 15.72 -10.79 -9.13
C10 GKG B . -2.86 13.02 -8.74
C13 GKG B . -3.80 8.54 -6.51
C15 GKG B . 3.09 7.74 -11.30
C17 GKG B . 2.32 10.99 -8.46
C20 GKG B . -3.00 12.33 -10.13
C21 GKG B . -4.29 13.42 -8.25
C22 GKG B . 0.21 10.06 -1.64
C24 GKG B . 0.50 10.02 -0.15
C26 GKG B . -0.18 9.50 -14.76
C28 GKG B . -1.02 8.57 -15.69
C01 GKG B . 3.86 9.51 -9.47
C02 GKG B . 1.89 10.40 -7.33
C03 GKG B . -5.04 11.10 -7.57
C04 GKG B . -5.64 10.28 -6.42
C05 GKG B . -2.41 8.16 -5.96
C06 GKG B . -0.57 9.67 -6.94
C07 GKG B . -2.41 8.42 -4.44
C08 GKG B . 1.01 11.78 -9.03
C09 GKG B . -1.64 11.75 -10.58
C11 GKG B . -4.66 12.51 -7.05
C12 GKG B . -5.10 9.16 -5.95
C14 GKG B . -3.46 7.07 -6.24
C16 GKG B . 4.17 8.28 -10.36
C18 GKG B . 0.62 9.75 -7.73
C19 GKG B . -1.24 10.67 -9.57
C23 GKG B . 1.27 9.10 -1.10
C25 GKG B . -0.72 10.73 -12.71
C27 GKG B . 0.23 10.79 -15.51
C29 GKG B . 1.07 8.74 -14.26
C30 GKG B . 6.18 9.40 -8.50
C31 GKG B . 7.22 9.97 -7.54
C32 GKG B . 8.61 9.31 -7.43
C33 GKG B . 9.15 11.04 -5.90
C34 GKG B . 8.93 8.11 -8.30
C35 GKG B . 7.90 7.54 -9.26
C36 GKG B . 6.48 8.19 -9.35
C37 GKG B . 0.72 11.26 -2.46
F53 GKG B . -1.47 7.52 -14.93
F54 GKG B . -0.23 8.15 -16.71
F55 GKG B . -2.09 9.26 -16.16
N38 GKG B . 0.08 10.77 -8.91
N39 GKG B . -1.11 8.38 -6.61
N40 GKG B . -1.25 8.98 -3.83
N41 GKG B . -1.83 11.18 -11.89
N42 GKG B . 4.85 10.04 -8.56
N43 GKG B . 5.47 7.67 -10.27
O44 GKG B . 2.58 10.13 -9.56
O45 GKG B . -1.94 9.74 -9.30
O46 GKG B . -1.13 10.67 -6.55
O47 GKG B . -1.63 8.01 -1.42
O48 GKG B . -2.45 10.16 -1.87
O49 GKG B . 0.40 11.11 -12.54
O50 GKG B . -1.09 9.84 -13.71
O51 GKG B . 9.57 9.85 -6.55
O56 GKG B . -3.32 8.13 -3.73
S52 GKG B . -1.34 9.23 -2.19
H101 GKG B . -2.31 13.83 -8.83
H102 GKG B . -2.45 12.42 -8.11
H131 GKG B . -3.75 8.68 -7.46
H151 GKG B . 3.50 7.15 -11.95
H152 GKG B . 2.65 8.47 -11.75
H153 GKG B . 2.43 7.25 -10.78
H171 GKG B . 3.11 11.50 -8.18
H201 GKG B . -3.65 11.62 -10.06
H202 GKG B . -3.30 12.97 -10.78
H212 GKG B . -4.29 14.35 -7.99
H211 GKG B . -4.93 13.28 -8.98
H241 GKG B . 1.00 10.78 0.19
H242 GKG B . -0.16 9.59 0.41
H021 GKG B . 2.53 9.75 -7.02
H022 GKG B . 1.72 11.06 -6.64
H032 GKG B . -5.68 11.18 -8.29
H031 GKG B . -4.23 10.65 -7.90
H041 GKG B . -6.43 10.59 -6.04
H081 GKG B . 0.77 12.53 -8.47
H082 GKG B . 1.12 12.05 -9.95
H091 GKG B . -0.95 12.42 -10.63
H111 GKG B . -3.90 12.45 -6.45
H112 GKG B . -5.42 12.89 -6.57
H121 GKG B . -5.54 8.72 -5.25
H142 GKG B . -3.30 6.53 -7.03
H141 GKG B . -3.88 6.68 -5.46
H181 GKG B . 0.94 8.84 -7.87
H231 GKG B . 2.18 9.35 -1.28
H232 GKG B . 1.01 8.17 -1.08
H272 GKG B . 0.76 10.55 -16.29
H273 GKG B . 0.76 11.35 -14.93
H271 GKG B . -0.57 11.26 -15.80
H292 GKG B . 0.79 7.90 -13.85
H293 GKG B . 1.55 9.28 -13.62
H291 GKG B . 1.64 8.54 -15.02
H311 GKG B . 7.02 10.71 -7.01
H332 GKG B . 9.88 11.41 -5.38
H333 GKG B . 8.41 10.84 -5.32
H331 GKG B . 8.87 11.69 -6.56
H341 GKG B . 9.78 7.71 -8.25
H351 GKG B . 8.10 6.80 -9.78
H372 GKG B . 0.77 11.02 -3.40
H371 GKG B . 1.61 11.51 -2.15
H373 GKG B . 0.11 12.01 -2.35
H391 GKG B . -0.64 7.69 -6.81
H401 GKG B . -0.55 9.19 -4.28
H411 GKG B . -2.63 11.10 -12.19
S SO4 C . -12.98 -1.53 14.80
O1 SO4 C . -13.03 -2.88 14.23
O2 SO4 C . -13.07 -1.64 16.24
O3 SO4 C . -14.08 -0.75 14.31
O4 SO4 C . -11.70 -0.90 14.42
S SO4 D . -8.88 9.17 6.30
O1 SO4 D . -8.61 7.80 5.87
O2 SO4 D . -10.08 9.16 7.16
O3 SO4 D . -9.10 10.03 5.15
O4 SO4 D . -7.73 9.67 7.04
S SO4 E . 6.02 -0.81 -14.34
O1 SO4 E . 6.57 -2.16 -14.53
O2 SO4 E . 4.60 -0.82 -14.68
O3 SO4 E . 6.74 0.14 -15.19
O4 SO4 E . 6.19 -0.41 -12.95
S SO4 F . 7.00 13.86 1.58
O1 SO4 F . 7.87 13.36 2.65
O2 SO4 F . 6.46 12.72 0.85
O3 SO4 F . 5.90 14.66 2.13
O4 SO4 F . 7.80 14.68 0.68
ZN ZN G . -6.53 -14.63 -9.88
C1 GOL H . 8.10 11.68 9.11
O1 GOL H . 7.83 10.56 9.91
C2 GOL H . 9.56 11.98 9.29
O2 GOL H . 10.25 11.62 8.13
C3 GOL H . 9.72 13.45 9.60
O3 GOL H . 10.78 13.91 8.83
H11 GOL H . 7.91 11.54 8.17
H12 GOL H . 7.59 12.46 9.36
HO1 GOL H . 7.51 10.86 10.63
H2 GOL H . 9.92 11.47 10.02
HO2 GOL H . 11.07 11.50 8.33
H31 GOL H . 8.88 13.91 9.42
H32 GOL H . 9.87 13.56 10.55
HO3 GOL H . 10.45 14.48 8.28
#